data_7BVY
#
_entry.id   7BVY
#
_cell.length_a   51.121
_cell.length_b   54.083
_cell.length_c   138.800
_cell.angle_alpha   90.000
_cell.angle_beta   98.180
_cell.angle_gamma   90.000
#
_symmetry.space_group_name_H-M   'I 1 2 1'
#
loop_
_entity.id
_entity.type
_entity.pdbx_description
1 polymer 'Cell shape determining protein MreB'
2 non-polymer 'PHOSPHOAMINOPHOSPHONIC ACID-ADENYLATE ESTER'
3 non-polymer 'PHOSPHATE ION'
4 non-polymer 'MAGNESIUM ION'
5 non-polymer 'POTASSIUM ION'
6 water water
#
_entity_poly.entity_id   1
_entity_poly.type   'polypeptide(L)'
_entity_poly.pdbx_seq_one_letter_code
;MRPETRPFISLDLGTANVLAYVSGQGVVYNEPSLMAYNNKTNSLIALGKAAYDMVGKTHGDIRMVTPLVDGVIADMEAAQ
DLLKHIFSRMKMMNIWKNAIVLLACPSGVTELEREALKNVAKEMGAELVIIEEEAKMAALGAGINIELPQGHLIIDIGGG
TTDLAIISSGDIVVSRSIKVAGNHFDDDIRKYIRSEYNIAIGQKTAEDVKKFIGSLVKYHNERSMQIYGRDIVSGLPKEA
KISSEEIRNVLLNAFSKITDLVIELLENTPPELAGDIMRNGITVCGGGALIRNIDKYFFDIFQLPTKIASDSLNCVIEGT
KIFEKTIKKNIENGLYNFQEKGLLSTLGKKRKGSHHHHHH
;
_entity_poly.pdbx_strand_id   A
#
loop_
_chem_comp.id
_chem_comp.type
_chem_comp.name
_chem_comp.formula
ANP non-polymer 'PHOSPHOAMINOPHOSPHONIC ACID-ADENYLATE ESTER' 'C10 H17 N6 O12 P3'
K non-polymer 'POTASSIUM ION' 'K 1'
MG non-polymer 'MAGNESIUM ION' 'Mg 2'
PO4 non-polymer 'PHOSPHATE ION' 'O4 P -3'
#
# COMPACT_ATOMS: atom_id res chain seq x y z
N PRO A 3 21.39 -18.03 -19.73
CA PRO A 3 20.55 -17.92 -20.93
C PRO A 3 19.05 -17.95 -20.59
N GLU A 4 18.47 -16.78 -20.33
CA GLU A 4 17.05 -16.67 -20.00
C GLU A 4 16.37 -15.89 -21.12
N THR A 5 15.47 -16.55 -21.83
CA THR A 5 14.74 -15.92 -22.93
C THR A 5 13.40 -15.33 -22.49
N ARG A 6 12.90 -15.74 -21.33
CA ARG A 6 11.57 -15.38 -20.85
C ARG A 6 11.60 -14.03 -20.12
N PRO A 7 10.56 -13.23 -20.27
CA PRO A 7 10.52 -11.94 -19.58
C PRO A 7 10.28 -12.10 -18.09
N PHE A 8 10.80 -11.14 -17.33
CA PHE A 8 10.60 -11.10 -15.89
C PHE A 8 9.69 -9.94 -15.54
N ILE A 9 8.56 -10.24 -14.89
CA ILE A 9 7.59 -9.24 -14.48
C ILE A 9 7.38 -9.37 -12.98
N SER A 10 7.40 -8.24 -12.28
CA SER A 10 7.02 -8.17 -10.88
C SER A 10 5.92 -7.13 -10.72
N LEU A 11 5.08 -7.32 -9.71
CA LEU A 11 3.89 -6.51 -9.53
C LEU A 11 3.66 -6.21 -8.06
N ASP A 12 3.29 -4.96 -7.77
CA ASP A 12 2.84 -4.53 -6.44
C ASP A 12 1.37 -4.14 -6.61
N LEU A 13 0.49 -5.10 -6.34
CA LEU A 13 -0.95 -4.90 -6.54
C LEU A 13 -1.58 -4.41 -5.23
N GLY A 14 -1.24 -3.17 -4.89
CA GLY A 14 -1.73 -2.59 -3.65
C GLY A 14 -3.18 -2.18 -3.73
N THR A 15 -3.77 -1.99 -2.54
CA THR A 15 -5.16 -1.57 -2.48
C THR A 15 -5.37 -0.18 -3.05
N ALA A 16 -4.35 0.67 -3.02
CA ALA A 16 -4.45 2.04 -3.52
C ALA A 16 -3.65 2.28 -4.79
N ASN A 17 -2.43 1.78 -4.88
CA ASN A 17 -1.56 2.05 -6.02
C ASN A 17 -1.04 0.73 -6.59
N VAL A 18 -1.11 0.59 -7.91
CA VAL A 18 -0.61 -0.58 -8.61
C VAL A 18 0.69 -0.20 -9.31
N LEU A 19 1.72 -1.03 -9.13
CA LEU A 19 3.01 -0.81 -9.77
C LEU A 19 3.44 -2.08 -10.49
N ALA A 20 4.01 -1.90 -11.67
CA ALA A 20 4.44 -3.01 -12.51
C ALA A 20 5.85 -2.75 -13.01
N TYR A 21 6.66 -3.80 -13.02
CA TYR A 21 8.07 -3.71 -13.42
C TYR A 21 8.36 -4.78 -14.47
N VAL A 22 9.06 -4.38 -15.53
CA VAL A 22 9.49 -5.30 -16.57
C VAL A 22 11.01 -5.29 -16.62
N SER A 23 11.61 -6.48 -16.58
CA SER A 23 13.06 -6.59 -16.62
C SER A 23 13.59 -6.05 -17.95
N GLY A 24 14.45 -5.03 -17.87
CA GLY A 24 14.98 -4.36 -19.02
C GLY A 24 14.33 -3.02 -19.31
N GLN A 25 13.07 -2.85 -18.95
CA GLN A 25 12.36 -1.59 -19.14
C GLN A 25 12.28 -0.75 -17.88
N GLY A 26 12.27 -1.38 -16.71
CA GLY A 26 12.07 -0.69 -15.45
C GLY A 26 10.63 -0.71 -15.00
N VAL A 27 10.31 0.21 -14.10
CA VAL A 27 8.93 0.41 -13.69
C VAL A 27 8.15 0.96 -14.88
N VAL A 28 7.12 0.24 -15.31
CA VAL A 28 6.36 0.58 -16.51
C VAL A 28 4.95 1.02 -16.19
N TYR A 29 4.55 1.01 -14.92
CA TYR A 29 3.18 1.37 -14.56
C TYR A 29 3.17 1.71 -13.07
N ASN A 30 2.52 2.81 -12.73
CA ASN A 30 2.43 3.26 -11.34
C ASN A 30 1.28 4.27 -11.26
N GLU A 31 0.08 3.75 -11.04
CA GLU A 31 -1.13 4.55 -11.03
C GLU A 31 -2.06 4.05 -9.93
N PRO A 32 -3.02 4.88 -9.51
CA PRO A 32 -4.03 4.40 -8.56
C PRO A 32 -4.70 3.13 -9.09
N SER A 33 -5.20 2.31 -8.18
CA SER A 33 -5.78 1.03 -8.53
C SER A 33 -7.26 1.12 -8.88
N LEU A 34 -7.87 2.30 -8.77
CA LEU A 34 -9.30 2.43 -9.02
C LEU A 34 -9.63 2.20 -10.49
N MET A 35 -10.77 1.56 -10.74
CA MET A 35 -11.29 1.34 -12.08
C MET A 35 -12.74 1.80 -12.12
N ALA A 36 -13.16 2.30 -13.28
CA ALA A 36 -14.50 2.85 -13.46
C ALA A 36 -15.22 2.05 -14.54
N TYR A 37 -16.36 1.46 -14.16
CA TYR A 37 -17.19 0.68 -15.06
C TYR A 37 -18.56 1.33 -15.21
N ASN A 38 -19.16 1.15 -16.38
CA ASN A 38 -20.54 1.56 -16.61
C ASN A 38 -21.46 0.42 -16.20
N ASN A 39 -22.38 0.70 -15.26
CA ASN A 39 -23.25 -0.36 -14.75
C ASN A 39 -24.31 -0.79 -15.75
N LYS A 40 -24.77 0.11 -16.62
CA LYS A 40 -25.76 -0.26 -17.61
C LYS A 40 -25.17 -1.09 -18.74
N THR A 41 -23.86 -0.99 -18.97
CA THR A 41 -23.23 -1.66 -20.11
C THR A 41 -22.01 -2.48 -19.73
N ASN A 42 -21.44 -2.29 -18.53
CA ASN A 42 -20.29 -3.07 -18.07
C ASN A 42 -19.03 -2.79 -18.86
N SER A 43 -18.93 -1.60 -19.45
CA SER A 43 -17.74 -1.20 -20.19
C SER A 43 -16.74 -0.56 -19.24
N LEU A 44 -15.46 -0.84 -19.48
CA LEU A 44 -14.39 -0.21 -18.71
C LEU A 44 -14.24 1.23 -19.18
N ILE A 45 -14.67 2.18 -18.35
CA ILE A 45 -14.63 3.59 -18.73
C ILE A 45 -13.23 4.16 -18.56
N ALA A 46 -12.62 3.92 -17.40
CA ALA A 46 -11.29 4.44 -17.13
C ALA A 46 -10.68 3.64 -15.98
N LEU A 47 -9.38 3.82 -15.80
CA LEU A 47 -8.67 3.24 -14.67
C LEU A 47 -7.43 4.08 -14.39
N GLY A 48 -6.84 3.84 -13.23
CA GLY A 48 -5.66 4.60 -12.86
C GLY A 48 -6.02 6.03 -12.52
N LYS A 49 -5.15 6.95 -12.95
CA LYS A 49 -5.34 8.36 -12.60
C LYS A 49 -6.66 8.89 -13.13
N ALA A 50 -7.04 8.51 -14.35
CA ALA A 50 -8.29 8.99 -14.93
C ALA A 50 -9.48 8.61 -14.07
N ALA A 51 -9.49 7.38 -13.55
CA ALA A 51 -10.58 6.98 -12.66
C ALA A 51 -10.44 7.63 -11.28
N TYR A 52 -9.21 7.88 -10.84
CA TYR A 52 -8.99 8.46 -9.53
C TYR A 52 -9.46 9.92 -9.47
N ASP A 53 -9.31 10.66 -10.58
CA ASP A 53 -9.76 12.04 -10.60
C ASP A 53 -11.28 12.16 -10.55
N MET A 54 -12.01 11.08 -10.84
CA MET A 54 -13.46 11.10 -10.90
C MET A 54 -14.11 10.65 -9.59
N VAL A 55 -13.34 10.17 -8.63
CA VAL A 55 -13.91 9.63 -7.39
C VAL A 55 -14.80 10.68 -6.76
N GLY A 56 -16.08 10.34 -6.58
CA GLY A 56 -17.05 11.24 -5.98
C GLY A 56 -17.68 12.23 -6.92
N LYS A 57 -17.30 12.23 -8.20
CA LYS A 57 -17.81 13.20 -9.17
C LYS A 57 -18.47 12.53 -10.35
N THR A 58 -18.96 11.29 -10.19
CA THR A 58 -19.40 10.49 -11.32
C THR A 58 -20.91 10.29 -11.30
N HIS A 59 -21.46 10.14 -12.50
CA HIS A 59 -22.87 9.80 -12.67
C HIS A 59 -23.19 8.51 -11.93
N GLY A 60 -24.47 8.34 -11.65
CA GLY A 60 -24.97 7.18 -10.91
C GLY A 60 -24.87 5.86 -11.66
N ASP A 61 -24.60 5.89 -12.96
CA ASP A 61 -24.42 4.67 -13.72
C ASP A 61 -22.98 4.15 -13.67
N ILE A 62 -22.04 4.94 -13.16
CA ILE A 62 -20.65 4.55 -13.07
C ILE A 62 -20.41 3.80 -11.78
N ARG A 63 -19.55 2.78 -11.84
CA ARG A 63 -19.25 1.91 -10.71
C ARG A 63 -17.75 1.92 -10.47
N MET A 64 -17.33 2.44 -9.33
CA MET A 64 -15.91 2.44 -8.97
C MET A 64 -15.53 1.09 -8.37
N VAL A 65 -14.48 0.48 -8.92
CA VAL A 65 -14.06 -0.86 -8.54
C VAL A 65 -12.61 -0.81 -8.04
N THR A 66 -12.35 -1.56 -6.97
CA THR A 66 -11.00 -1.85 -6.53
C THR A 66 -10.71 -3.32 -6.82
N PRO A 67 -9.87 -3.64 -7.82
CA PRO A 67 -9.70 -5.05 -8.17
C PRO A 67 -9.12 -5.89 -7.05
N LEU A 68 -8.14 -5.37 -6.32
CA LEU A 68 -7.54 -6.08 -5.20
C LEU A 68 -7.74 -5.26 -3.92
N VAL A 69 -8.28 -5.91 -2.90
CA VAL A 69 -8.46 -5.31 -1.59
C VAL A 69 -7.66 -6.16 -0.60
N ASP A 70 -6.54 -5.62 -0.13
CA ASP A 70 -5.72 -6.30 0.87
C ASP A 70 -5.13 -7.60 0.33
N GLY A 71 -4.66 -7.57 -0.92
CA GLY A 71 -4.04 -8.71 -1.54
C GLY A 71 -4.99 -9.80 -2.01
N VAL A 72 -6.30 -9.56 -1.94
CA VAL A 72 -7.30 -10.55 -2.33
C VAL A 72 -8.05 -10.01 -3.54
N ILE A 73 -8.06 -10.79 -4.62
CA ILE A 73 -8.84 -10.46 -5.80
C ILE A 73 -10.28 -10.26 -5.37
N ALA A 74 -10.72 -9.00 -5.38
CA ALA A 74 -12.11 -8.70 -5.00
C ALA A 74 -13.06 -8.75 -6.18
N ASP A 75 -12.58 -8.40 -7.38
CA ASP A 75 -13.38 -8.46 -8.60
C ASP A 75 -12.57 -9.16 -9.68
N MET A 76 -12.95 -10.41 -9.97
CA MET A 76 -12.17 -11.23 -10.90
C MET A 76 -11.99 -10.54 -12.24
N GLU A 77 -13.09 -10.04 -12.82
CA GLU A 77 -13.02 -9.45 -14.15
C GLU A 77 -12.21 -8.17 -14.14
N ALA A 78 -12.35 -7.34 -13.10
CA ALA A 78 -11.57 -6.12 -13.01
C ALA A 78 -10.07 -6.43 -12.92
N ALA A 79 -9.70 -7.43 -12.12
CA ALA A 79 -8.30 -7.85 -12.08
C ALA A 79 -7.82 -8.26 -13.47
N GLN A 80 -8.62 -9.07 -14.17
CA GLN A 80 -8.25 -9.48 -15.52
C GLN A 80 -8.12 -8.27 -16.45
N ASP A 81 -9.02 -7.29 -16.30
CA ASP A 81 -8.93 -6.11 -17.15
C ASP A 81 -7.69 -5.28 -16.85
N LEU A 82 -7.34 -5.15 -15.57
CA LEU A 82 -6.16 -4.37 -15.22
C LEU A 82 -4.89 -5.01 -15.76
N LEU A 83 -4.79 -6.34 -15.67
CA LEU A 83 -3.60 -7.02 -16.17
C LEU A 83 -3.47 -6.89 -17.68
N LYS A 84 -4.60 -6.81 -18.39
CA LYS A 84 -4.56 -6.62 -19.84
C LYS A 84 -4.23 -5.20 -20.25
N HIS A 85 -4.04 -4.29 -19.29
CA HIS A 85 -3.81 -2.88 -19.59
C HIS A 85 -2.47 -2.34 -19.11
N ILE A 86 -1.90 -2.90 -18.04
CA ILE A 86 -0.66 -2.35 -17.50
C ILE A 86 0.42 -2.27 -18.57
N PHE A 87 0.46 -3.25 -19.46
CA PHE A 87 1.47 -3.33 -20.51
C PHE A 87 0.95 -2.89 -21.87
N SER A 88 -0.15 -2.12 -21.89
CA SER A 88 -0.73 -1.69 -23.15
C SER A 88 0.00 -0.50 -23.76
N ARG A 89 0.70 0.28 -22.95
CA ARG A 89 1.50 1.40 -23.45
C ARG A 89 2.94 0.99 -23.75
N MET A 90 3.23 -0.30 -23.77
CA MET A 90 4.53 -0.82 -24.19
C MET A 90 4.41 -1.29 -25.64
N LYS A 91 5.18 -0.67 -26.54
CA LYS A 91 5.16 -1.06 -27.94
C LYS A 91 5.82 -2.42 -28.14
N MET A 92 5.16 -3.47 -27.67
CA MET A 92 5.65 -4.84 -27.81
C MET A 92 4.46 -5.78 -27.77
N MET A 93 4.62 -6.95 -28.38
CA MET A 93 3.61 -7.98 -28.20
C MET A 93 3.59 -8.43 -26.74
N ASN A 94 2.55 -9.18 -26.38
CA ASN A 94 2.31 -9.53 -24.99
C ASN A 94 3.58 -10.05 -24.31
N ILE A 95 4.02 -9.33 -23.28
CA ILE A 95 5.17 -9.79 -22.49
C ILE A 95 4.76 -10.80 -21.44
N TRP A 96 3.45 -11.05 -21.27
CA TRP A 96 2.98 -12.07 -20.36
C TRP A 96 3.33 -13.48 -20.83
N LYS A 97 3.60 -13.65 -22.12
CA LYS A 97 3.76 -14.99 -22.70
C LYS A 97 4.98 -15.69 -22.10
N ASN A 98 4.74 -16.85 -21.48
CA ASN A 98 5.80 -17.66 -20.89
C ASN A 98 6.75 -16.84 -20.04
N ALA A 99 6.21 -15.83 -19.36
CA ALA A 99 7.04 -14.94 -18.56
C ALA A 99 7.20 -15.47 -17.14
N ILE A 100 8.18 -14.92 -16.44
CA ILE A 100 8.40 -15.19 -15.03
C ILE A 100 7.79 -14.04 -14.24
N VAL A 101 6.80 -14.35 -13.41
CA VAL A 101 6.02 -13.33 -12.72
C VAL A 101 6.27 -13.46 -11.22
N LEU A 102 6.67 -12.35 -10.60
CA LEU A 102 6.92 -12.29 -9.16
C LEU A 102 5.87 -11.37 -8.53
N LEU A 103 5.00 -11.96 -7.71
CA LEU A 103 3.97 -11.22 -7.00
C LEU A 103 4.29 -11.16 -5.51
N ALA A 104 3.82 -10.11 -4.85
CA ALA A 104 4.02 -9.91 -3.42
C ALA A 104 2.68 -9.86 -2.73
N CYS A 105 2.55 -10.62 -1.63
CA CYS A 105 1.29 -10.71 -0.90
C CYS A 105 1.46 -10.31 0.55
N PRO A 106 0.47 -9.62 1.13
CA PRO A 106 0.48 -9.39 2.58
C PRO A 106 0.37 -10.72 3.33
N SER A 107 0.88 -10.72 4.56
CA SER A 107 0.87 -11.94 5.36
C SER A 107 -0.54 -12.46 5.62
N GLY A 108 -1.56 -11.59 5.51
CA GLY A 108 -2.92 -12.01 5.78
C GLY A 108 -3.56 -12.81 4.66
N VAL A 109 -2.98 -12.77 3.46
CA VAL A 109 -3.59 -13.47 2.33
C VAL A 109 -3.57 -14.98 2.58
N THR A 110 -4.63 -15.64 2.13
CA THR A 110 -4.78 -17.08 2.32
C THR A 110 -4.18 -17.85 1.16
N GLU A 111 -3.82 -19.11 1.42
CA GLU A 111 -3.29 -19.98 0.37
C GLU A 111 -4.22 -20.03 -0.83
N LEU A 112 -5.53 -20.16 -0.58
CA LEU A 112 -6.48 -20.19 -1.69
C LEU A 112 -6.44 -18.89 -2.47
N GLU A 113 -6.41 -17.75 -1.78
CA GLU A 113 -6.33 -16.47 -2.46
C GLU A 113 -5.00 -16.31 -3.19
N ARG A 114 -3.91 -16.78 -2.58
CA ARG A 114 -2.63 -16.78 -3.28
C ARG A 114 -2.71 -17.62 -4.55
N GLU A 115 -3.35 -18.78 -4.47
CA GLU A 115 -3.50 -19.63 -5.65
C GLU A 115 -4.34 -18.95 -6.71
N ALA A 116 -5.38 -18.22 -6.29
CA ALA A 116 -6.19 -17.48 -7.25
C ALA A 116 -5.37 -16.39 -7.93
N LEU A 117 -4.45 -15.76 -7.20
CA LEU A 117 -3.55 -14.78 -7.81
C LEU A 117 -2.73 -15.43 -8.91
N LYS A 118 -2.08 -16.56 -8.61
CA LYS A 118 -1.28 -17.24 -9.62
C LYS A 118 -2.13 -17.61 -10.84
N ASN A 119 -3.36 -18.06 -10.62
CA ASN A 119 -4.21 -18.49 -11.73
C ASN A 119 -4.48 -17.35 -12.69
N VAL A 120 -4.67 -16.14 -12.17
CA VAL A 120 -4.92 -15.00 -13.05
C VAL A 120 -3.67 -14.68 -13.88
N ALA A 121 -2.49 -14.79 -13.26
CA ALA A 121 -1.25 -14.52 -14.00
C ALA A 121 -1.01 -15.58 -15.07
N LYS A 122 -1.17 -16.86 -14.70
CA LYS A 122 -1.04 -17.92 -15.70
C LYS A 122 -2.04 -17.72 -16.83
N GLU A 123 -3.26 -17.27 -16.51
CA GLU A 123 -4.26 -17.03 -17.54
C GLU A 123 -3.76 -16.01 -18.57
N MET A 124 -3.09 -14.95 -18.10
CA MET A 124 -2.53 -13.97 -19.03
C MET A 124 -1.49 -14.58 -19.96
N GLY A 125 -0.78 -15.61 -19.49
CA GLY A 125 0.18 -16.29 -20.34
C GLY A 125 1.50 -16.61 -19.67
N ALA A 126 1.63 -16.29 -18.39
CA ALA A 126 2.88 -16.56 -17.68
C ALA A 126 3.11 -18.05 -17.54
N GLU A 127 4.38 -18.44 -17.45
CA GLU A 127 4.77 -19.82 -17.25
C GLU A 127 5.21 -20.11 -15.81
N LEU A 128 5.76 -19.11 -15.12
CA LEU A 128 6.22 -19.28 -13.75
C LEU A 128 5.75 -18.09 -12.93
N VAL A 129 5.06 -18.36 -11.82
CA VAL A 129 4.44 -17.33 -11.00
C VAL A 129 4.89 -17.54 -9.55
N ILE A 130 5.75 -16.66 -9.06
CA ILE A 130 6.31 -16.77 -7.72
C ILE A 130 5.62 -15.74 -6.82
N ILE A 131 5.32 -16.15 -5.58
CA ILE A 131 4.63 -15.32 -4.61
C ILE A 131 5.55 -15.11 -3.42
N GLU A 132 5.96 -13.87 -3.19
CA GLU A 132 6.83 -13.53 -2.08
C GLU A 132 6.05 -12.79 -0.99
N GLU A 133 6.61 -12.80 0.21
CA GLU A 133 6.05 -12.03 1.30
C GLU A 133 6.27 -10.54 1.05
N GLU A 134 5.20 -9.76 1.19
CA GLU A 134 5.32 -8.31 1.00
C GLU A 134 6.33 -7.72 1.97
N ALA A 135 6.35 -8.20 3.21
CA ALA A 135 7.21 -7.61 4.24
C ALA A 135 8.68 -7.67 3.85
N LYS A 136 9.14 -8.80 3.31
CA LYS A 136 10.55 -8.90 2.95
C LYS A 136 10.86 -8.19 1.63
N MET A 137 9.89 -8.10 0.72
CA MET A 137 10.08 -7.23 -0.44
C MET A 137 10.23 -5.78 -0.01
N ALA A 138 9.39 -5.32 0.93
CA ALA A 138 9.49 -3.96 1.42
C ALA A 138 10.79 -3.74 2.18
N ALA A 139 11.18 -4.70 3.02
CA ALA A 139 12.45 -4.59 3.73
C ALA A 139 13.60 -4.42 2.74
N LEU A 140 13.67 -5.29 1.74
CA LEU A 140 14.67 -5.14 0.69
C LEU A 140 14.61 -3.75 0.08
N GLY A 141 13.41 -3.32 -0.34
CA GLY A 141 13.27 -2.00 -0.95
C GLY A 141 13.80 -0.88 -0.08
N ALA A 142 13.69 -1.03 1.24
CA ALA A 142 14.18 -0.01 2.17
C ALA A 142 15.68 -0.12 2.41
N GLY A 143 16.38 -0.99 1.69
CA GLY A 143 17.82 -1.08 1.83
C GLY A 143 18.31 -1.90 2.99
N ILE A 144 17.50 -2.85 3.46
CA ILE A 144 17.91 -3.75 4.54
C ILE A 144 18.46 -5.03 3.93
N ASN A 145 19.59 -5.49 4.45
CA ASN A 145 20.15 -6.78 4.07
C ASN A 145 19.45 -7.84 4.91
N ILE A 146 18.30 -8.31 4.41
CA ILE A 146 17.48 -9.24 5.17
C ILE A 146 18.18 -10.57 5.39
N GLU A 147 19.21 -10.88 4.59
CA GLU A 147 19.91 -12.15 4.75
C GLU A 147 20.62 -12.23 6.09
N LEU A 148 21.06 -11.11 6.64
CA LEU A 148 21.86 -11.12 7.85
C LEU A 148 21.05 -11.66 9.03
N PRO A 149 21.72 -12.30 10.00
CA PRO A 149 21.05 -12.72 11.24
C PRO A 149 20.84 -11.55 12.20
N GLN A 150 20.15 -10.52 11.72
CA GLN A 150 19.86 -9.33 12.50
C GLN A 150 18.38 -9.02 12.38
N GLY A 151 17.74 -8.74 13.52
CA GLY A 151 16.31 -8.51 13.52
C GLY A 151 15.94 -7.07 13.20
N HIS A 152 14.87 -6.92 12.42
CA HIS A 152 14.33 -5.61 12.05
C HIS A 152 12.82 -5.64 12.17
N LEU A 153 12.24 -4.52 12.59
CA LEU A 153 10.79 -4.37 12.71
C LEU A 153 10.32 -3.50 11.54
N ILE A 154 9.55 -4.10 10.63
CA ILE A 154 9.03 -3.42 9.46
C ILE A 154 7.57 -3.09 9.70
N ILE A 155 7.21 -1.82 9.45
CA ILE A 155 5.83 -1.35 9.57
C ILE A 155 5.42 -0.81 8.21
N ASP A 156 4.54 -1.53 7.52
CA ASP A 156 4.12 -1.19 6.16
C ASP A 156 2.69 -0.66 6.23
N ILE A 157 2.54 0.66 6.10
CA ILE A 157 1.26 1.34 6.17
C ILE A 157 0.80 1.63 4.74
N GLY A 158 -0.22 0.91 4.29
CA GLY A 158 -0.75 1.12 2.96
C GLY A 158 -2.10 1.81 2.95
N GLY A 159 -2.94 1.49 1.97
CA GLY A 159 -4.27 2.06 1.90
C GLY A 159 -5.30 1.20 2.60
N GLY A 160 -5.11 -0.12 2.56
CA GLY A 160 -6.06 -1.04 3.15
C GLY A 160 -5.60 -1.63 4.47
N THR A 161 -4.32 -2.01 4.56
CA THR A 161 -3.80 -2.70 5.72
C THR A 161 -2.51 -2.05 6.21
N THR A 162 -2.31 -2.13 7.52
CA THR A 162 -1.01 -1.88 8.14
C THR A 162 -0.40 -3.23 8.47
N ASP A 163 0.83 -3.46 7.99
CA ASP A 163 1.50 -4.75 8.12
C ASP A 163 2.74 -4.60 8.98
N LEU A 164 2.88 -5.48 9.97
CA LEU A 164 4.01 -5.49 10.89
C LEU A 164 4.75 -6.80 10.74
N ALA A 165 6.07 -6.73 10.59
CA ALA A 165 6.88 -7.94 10.44
C ALA A 165 8.19 -7.78 11.19
N ILE A 166 8.53 -8.80 11.97
CA ILE A 166 9.88 -9.00 12.48
C ILE A 166 10.63 -9.85 11.46
N ILE A 167 11.67 -9.29 10.86
CA ILE A 167 12.44 -10.00 9.84
C ILE A 167 13.85 -10.25 10.34
N SER A 168 14.43 -11.37 9.91
CA SER A 168 15.77 -11.77 10.29
C SER A 168 16.17 -13.01 9.49
N SER A 169 17.42 -13.02 9.01
CA SER A 169 17.94 -14.13 8.21
C SER A 169 17.02 -14.42 7.01
N GLY A 170 16.44 -13.36 6.45
CA GLY A 170 15.53 -13.44 5.32
C GLY A 170 14.23 -14.15 5.64
N ASP A 171 13.82 -14.18 6.91
CA ASP A 171 12.60 -14.86 7.32
C ASP A 171 11.71 -13.90 8.11
N ILE A 172 10.41 -14.13 7.99
CA ILE A 172 9.42 -13.39 8.78
C ILE A 172 9.16 -14.23 10.03
N VAL A 173 9.77 -13.82 11.15
CA VAL A 173 9.63 -14.59 12.39
C VAL A 173 8.30 -14.30 13.07
N VAL A 174 7.87 -13.04 13.07
CA VAL A 174 6.59 -12.65 13.65
C VAL A 174 5.93 -11.66 12.69
N SER A 175 4.61 -11.79 12.53
CA SER A 175 3.89 -10.89 11.65
C SER A 175 2.50 -10.62 12.21
N ARG A 176 2.05 -9.37 12.08
CA ARG A 176 0.70 -8.96 12.41
C ARG A 176 0.22 -7.99 11.34
N SER A 177 -1.09 -7.99 11.10
CA SER A 177 -1.68 -7.09 10.12
C SER A 177 -3.02 -6.61 10.64
N ILE A 178 -3.35 -5.35 10.33
CA ILE A 178 -4.60 -4.73 10.75
C ILE A 178 -5.15 -3.91 9.59
N LYS A 179 -6.47 -3.87 9.48
CA LYS A 179 -7.14 -3.09 8.44
C LYS A 179 -7.36 -1.64 8.86
N VAL A 180 -6.35 -1.02 9.45
CA VAL A 180 -6.38 0.40 9.80
C VAL A 180 -5.22 1.05 9.05
N ALA A 181 -5.51 1.66 7.90
CA ALA A 181 -4.46 2.29 7.10
C ALA A 181 -4.96 3.59 6.48
N GLY A 182 -4.49 3.90 5.27
CA GLY A 182 -4.82 5.16 4.64
C GLY A 182 -6.32 5.37 4.49
N ASN A 183 -7.03 4.32 4.06
CA ASN A 183 -8.47 4.45 3.88
C ASN A 183 -9.17 4.68 5.22
N HIS A 184 -8.73 3.99 6.28
CA HIS A 184 -9.32 4.20 7.58
C HIS A 184 -9.07 5.62 8.08
N PHE A 185 -7.86 6.14 7.84
CA PHE A 185 -7.56 7.52 8.22
C PHE A 185 -8.48 8.50 7.49
N ASP A 186 -8.72 8.27 6.20
CA ASP A 186 -9.61 9.16 5.45
C ASP A 186 -11.01 9.14 6.02
N ASP A 187 -11.57 7.94 6.24
CA ASP A 187 -12.90 7.82 6.83
C ASP A 187 -12.97 8.60 8.14
N ASP A 188 -11.96 8.46 9.00
CA ASP A 188 -11.99 9.15 10.29
C ASP A 188 -11.87 10.66 10.12
N ILE A 189 -11.05 11.10 9.17
CA ILE A 189 -11.01 12.54 8.86
C ILE A 189 -12.39 13.01 8.42
N ARG A 190 -13.07 12.22 7.60
CA ARG A 190 -14.41 12.58 7.15
C ARG A 190 -15.39 12.55 8.31
N LYS A 191 -15.31 11.52 9.15
CA LYS A 191 -16.18 11.46 10.33
C LYS A 191 -15.98 12.66 11.24
N TYR A 192 -14.72 13.05 11.47
CA TYR A 192 -14.46 14.18 12.37
C TYR A 192 -15.08 15.46 11.81
N ILE A 193 -14.80 15.77 10.55
CA ILE A 193 -15.28 17.03 9.97
C ILE A 193 -16.79 17.08 10.00
N ARG A 194 -17.46 15.94 9.81
CA ARG A 194 -18.91 15.90 9.92
C ARG A 194 -19.35 16.22 11.34
N SER A 195 -18.73 15.57 12.33
CA SER A 195 -19.12 15.79 13.72
C SER A 195 -18.82 17.22 14.17
N GLU A 196 -17.66 17.76 13.79
CA GLU A 196 -17.22 19.05 14.28
C GLU A 196 -17.80 20.23 13.50
N TYR A 197 -17.97 20.10 12.18
CA TYR A 197 -18.41 21.21 11.36
C TYR A 197 -19.72 20.95 10.63
N ASN A 198 -20.36 19.81 10.86
CA ASN A 198 -21.63 19.49 10.22
C ASN A 198 -21.53 19.61 8.70
N ILE A 199 -20.38 19.19 8.16
CA ILE A 199 -20.12 19.22 6.73
C ILE A 199 -19.77 17.81 6.28
N ALA A 200 -20.38 17.39 5.17
CA ALA A 200 -20.09 16.09 4.56
C ALA A 200 -19.13 16.30 3.41
N ILE A 201 -17.90 15.82 3.58
CA ILE A 201 -16.89 15.90 2.54
C ILE A 201 -16.75 14.54 1.88
N GLY A 202 -16.20 14.55 0.66
CA GLY A 202 -15.93 13.32 -0.03
C GLY A 202 -14.63 12.68 0.43
N GLN A 203 -14.37 11.47 -0.08
CA GLN A 203 -13.12 10.78 0.25
C GLN A 203 -11.93 11.53 -0.31
N LYS A 204 -11.99 11.91 -1.59
CA LYS A 204 -10.89 12.64 -2.21
C LYS A 204 -10.45 13.83 -1.37
N THR A 205 -11.42 14.58 -0.83
CA THR A 205 -11.10 15.72 0.01
C THR A 205 -10.47 15.28 1.33
N ALA A 206 -10.98 14.18 1.91
CA ALA A 206 -10.39 13.65 3.13
C ALA A 206 -8.93 13.26 2.91
N GLU A 207 -8.65 12.61 1.78
CA GLU A 207 -7.28 12.17 1.51
C GLU A 207 -6.36 13.36 1.27
N ASP A 208 -6.87 14.44 0.70
CA ASP A 208 -6.04 15.60 0.38
CA ASP A 208 -6.02 15.58 0.39
C ASP A 208 -5.62 16.37 1.64
N VAL A 209 -6.51 16.45 2.63
CA VAL A 209 -6.07 17.14 3.84
C VAL A 209 -5.12 16.26 4.63
N LYS A 210 -5.32 14.93 4.58
CA LYS A 210 -4.35 14.01 5.16
C LYS A 210 -2.95 14.27 4.61
N LYS A 211 -2.84 14.45 3.29
CA LYS A 211 -1.53 14.64 2.69
C LYS A 211 -1.01 16.06 2.87
N PHE A 212 -1.90 17.06 2.95
CA PHE A 212 -1.44 18.44 2.89
C PHE A 212 -1.10 19.02 4.26
N ILE A 213 -1.73 18.54 5.33
CA ILE A 213 -1.43 19.05 6.66
C ILE A 213 -1.35 17.91 7.67
N GLY A 214 -1.62 16.69 7.21
CA GLY A 214 -1.58 15.56 8.12
C GLY A 214 -0.23 15.39 8.79
N SER A 215 -0.27 14.92 10.03
CA SER A 215 0.94 14.74 10.82
C SER A 215 0.57 14.02 12.11
N LEU A 216 1.60 13.53 12.80
CA LEU A 216 1.44 12.92 14.11
C LEU A 216 2.13 13.69 15.22
N VAL A 217 3.05 14.58 14.87
CA VAL A 217 3.71 15.49 15.82
C VAL A 217 3.88 16.83 15.13
N LYS A 218 3.81 17.90 15.93
CA LYS A 218 3.96 19.25 15.38
C LYS A 218 5.19 19.34 14.50
N TYR A 219 5.04 19.98 13.34
CA TYR A 219 6.10 20.00 12.33
C TYR A 219 6.45 21.44 11.95
N HIS A 220 7.50 21.57 11.14
CA HIS A 220 8.17 22.84 10.91
C HIS A 220 7.39 23.78 9.99
N ASN A 221 6.30 23.34 9.39
CA ASN A 221 5.47 24.23 8.57
C ASN A 221 3.99 23.92 8.84
N GLU A 222 3.60 24.03 10.10
CA GLU A 222 2.18 23.96 10.46
C GLU A 222 1.39 24.90 9.57
N ARG A 223 0.28 24.40 9.02
CA ARG A 223 -0.47 25.17 8.05
C ARG A 223 -1.90 24.67 8.01
N SER A 224 -2.83 25.60 7.81
CA SER A 224 -4.24 25.27 7.73
C SER A 224 -4.64 24.96 6.29
N MET A 225 -5.89 24.54 6.11
CA MET A 225 -6.39 24.17 4.80
C MET A 225 -7.87 24.49 4.72
N GLN A 226 -8.31 24.89 3.54
CA GLN A 226 -9.71 25.16 3.28
C GLN A 226 -10.34 23.92 2.64
N ILE A 227 -11.40 23.39 3.26
CA ILE A 227 -12.13 22.26 2.72
C ILE A 227 -13.49 22.75 2.23
N TYR A 228 -14.07 21.99 1.30
CA TYR A 228 -15.37 22.33 0.72
C TYR A 228 -16.24 21.08 0.68
N GLY A 229 -17.40 21.14 1.31
CA GLY A 229 -18.33 20.03 1.29
C GLY A 229 -19.79 20.46 1.29
N ARG A 230 -20.67 19.55 1.70
CA ARG A 230 -22.10 19.82 1.77
C ARG A 230 -22.52 19.89 3.23
N ASP A 231 -23.08 21.03 3.63
CA ASP A 231 -23.57 21.19 4.99
C ASP A 231 -24.70 20.19 5.24
N ILE A 232 -24.62 19.47 6.35
CA ILE A 232 -25.58 18.41 6.62
C ILE A 232 -26.97 18.96 6.91
N VAL A 233 -27.08 20.23 7.28
CA VAL A 233 -28.37 20.82 7.66
C VAL A 233 -29.00 21.48 6.44
N SER A 234 -28.31 22.44 5.85
CA SER A 234 -28.85 23.15 4.70
C SER A 234 -28.78 22.32 3.42
N GLY A 235 -27.84 21.37 3.35
CA GLY A 235 -27.63 20.59 2.15
C GLY A 235 -26.95 21.33 1.02
N LEU A 236 -26.53 22.57 1.24
CA LEU A 236 -25.86 23.41 0.26
C LEU A 236 -24.36 23.35 0.42
N PRO A 237 -23.61 23.79 -0.58
CA PRO A 237 -22.15 23.84 -0.45
C PRO A 237 -21.73 24.74 0.71
N LYS A 238 -20.68 24.31 1.41
CA LYS A 238 -20.15 25.05 2.54
C LYS A 238 -18.67 24.74 2.69
N GLU A 239 -17.88 25.77 2.96
CA GLU A 239 -16.45 25.61 3.17
C GLU A 239 -16.12 25.78 4.65
N ALA A 240 -14.95 25.29 5.03
CA ALA A 240 -14.48 25.38 6.41
C ALA A 240 -12.96 25.34 6.42
N LYS A 241 -12.38 25.94 7.46
CA LYS A 241 -10.94 25.97 7.64
C LYS A 241 -10.53 24.87 8.61
N ILE A 242 -9.64 23.98 8.17
CA ILE A 242 -9.14 22.87 8.97
C ILE A 242 -7.70 23.17 9.34
N SER A 243 -7.38 22.97 10.62
CA SER A 243 -6.04 23.26 11.15
C SER A 243 -5.25 21.97 11.31
N SER A 244 -3.92 22.14 11.44
CA SER A 244 -3.05 20.99 11.62
C SER A 244 -3.38 20.25 12.92
N GLU A 245 -3.59 20.99 14.01
CA GLU A 245 -3.83 20.37 15.31
C GLU A 245 -5.01 19.41 15.24
N GLU A 246 -6.16 19.86 14.73
CA GLU A 246 -7.33 19.00 14.65
C GLU A 246 -6.99 17.69 13.95
N ILE A 247 -6.32 17.77 12.81
CA ILE A 247 -6.04 16.57 12.04
C ILE A 247 -5.03 15.69 12.77
N ARG A 248 -4.03 16.30 13.40
CA ARG A 248 -3.09 15.50 14.19
C ARG A 248 -3.82 14.68 15.24
N ASN A 249 -4.84 15.27 15.88
CA ASN A 249 -5.58 14.55 16.91
C ASN A 249 -6.41 13.42 16.32
N VAL A 250 -6.92 13.60 15.09
CA VAL A 250 -7.65 12.51 14.44
C VAL A 250 -6.71 11.36 14.14
N LEU A 251 -5.52 11.65 13.61
CA LEU A 251 -4.56 10.60 13.30
C LEU A 251 -4.05 9.93 14.57
N LEU A 252 -3.77 10.71 15.62
CA LEU A 252 -3.37 10.12 16.89
C LEU A 252 -4.42 9.15 17.41
N ASN A 253 -5.70 9.46 17.18
CA ASN A 253 -6.75 8.54 17.61
C ASN A 253 -6.73 7.25 16.79
N ALA A 254 -6.51 7.35 15.48
CA ALA A 254 -6.52 6.18 14.62
C ALA A 254 -5.28 5.32 14.81
N PHE A 255 -4.12 5.94 15.04
CA PHE A 255 -2.90 5.18 15.27
C PHE A 255 -2.89 4.50 16.64
N SER A 256 -3.84 4.83 17.52
CA SER A 256 -3.94 4.11 18.79
C SER A 256 -4.07 2.61 18.56
N LYS A 257 -4.85 2.22 17.54
CA LYS A 257 -5.02 0.81 17.22
C LYS A 257 -3.79 0.20 16.54
N ILE A 258 -3.00 1.02 15.84
CA ILE A 258 -1.78 0.52 15.24
C ILE A 258 -0.70 0.32 16.30
N THR A 259 -0.56 1.26 17.22
CA THR A 259 0.37 1.09 18.32
C THR A 259 0.02 -0.13 19.15
N ASP A 260 -1.28 -0.45 19.27
CA ASP A 260 -1.68 -1.66 19.97
C ASP A 260 -1.23 -2.91 19.22
N LEU A 261 -1.27 -2.88 17.89
CA LEU A 261 -0.79 -4.02 17.12
C LEU A 261 0.72 -4.18 17.28
N VAL A 262 1.46 -3.07 17.28
CA VAL A 262 2.90 -3.13 17.51
C VAL A 262 3.19 -3.76 18.87
N ILE A 263 2.44 -3.35 19.89
CA ILE A 263 2.64 -3.92 21.23
C ILE A 263 2.42 -5.43 21.21
N GLU A 264 1.32 -5.86 20.58
CA GLU A 264 1.06 -7.30 20.47
C GLU A 264 2.16 -8.01 19.69
N LEU A 265 2.63 -7.40 18.60
CA LEU A 265 3.72 -8.00 17.85
C LEU A 265 4.95 -8.20 18.72
N LEU A 266 5.36 -7.15 19.44
CA LEU A 266 6.52 -7.27 20.32
C LEU A 266 6.29 -8.30 21.41
N GLU A 267 5.05 -8.42 21.89
CA GLU A 267 4.76 -9.40 22.94
C GLU A 267 4.98 -10.83 22.48
N ASN A 268 4.92 -11.08 21.16
CA ASN A 268 5.14 -12.41 20.62
C ASN A 268 6.47 -12.54 19.90
N THR A 269 7.43 -11.65 20.20
CA THR A 269 8.74 -11.62 19.58
C THR A 269 9.76 -12.30 20.47
N PRO A 270 10.55 -13.23 19.95
CA PRO A 270 11.52 -13.94 20.79
C PRO A 270 12.46 -12.98 21.50
N PRO A 271 12.77 -13.26 22.76
CA PRO A 271 13.56 -12.29 23.55
C PRO A 271 14.87 -11.86 22.90
N GLU A 272 15.60 -12.77 22.28
CA GLU A 272 16.86 -12.41 21.64
C GLU A 272 16.64 -11.49 20.45
N LEU A 273 15.50 -11.62 19.76
CA LEU A 273 15.16 -10.69 18.70
C LEU A 273 14.75 -9.34 19.27
N ALA A 274 14.25 -9.30 20.50
CA ALA A 274 13.87 -8.03 21.12
C ALA A 274 15.09 -7.12 21.29
N GLY A 275 16.24 -7.69 21.62
CA GLY A 275 17.44 -6.88 21.74
C GLY A 275 17.84 -6.23 20.45
N ASP A 276 17.74 -6.97 19.33
CA ASP A 276 18.02 -6.38 18.03
C ASP A 276 17.07 -5.22 17.75
N ILE A 277 15.79 -5.39 18.09
CA ILE A 277 14.81 -4.33 17.87
C ILE A 277 15.25 -3.06 18.59
N MET A 278 15.76 -3.19 19.81
CA MET A 278 16.23 -2.03 20.55
C MET A 278 17.33 -1.29 19.80
N ARG A 279 18.15 -2.00 19.04
CA ARG A 279 19.31 -1.42 18.39
C ARG A 279 19.07 -1.07 16.93
N ASN A 280 18.36 -1.92 16.19
CA ASN A 280 18.08 -1.65 14.78
C ASN A 280 16.83 -0.80 14.60
N GLY A 281 15.89 -0.86 15.54
CA GLY A 281 14.75 0.01 15.51
C GLY A 281 13.70 -0.39 14.49
N ILE A 282 12.78 0.55 14.25
CA ILE A 282 11.66 0.36 13.35
C ILE A 282 11.99 0.97 12.01
N THR A 283 11.46 0.36 10.95
CA THR A 283 11.51 0.91 9.60
C THR A 283 10.08 1.04 9.11
N VAL A 284 9.68 2.27 8.77
CA VAL A 284 8.34 2.56 8.28
C VAL A 284 8.40 2.77 6.78
N CYS A 285 7.49 2.11 6.05
CA CYS A 285 7.40 2.27 4.60
C CYS A 285 5.92 2.21 4.21
N GLY A 286 5.68 2.31 2.91
CA GLY A 286 4.33 2.48 2.41
C GLY A 286 3.92 3.94 2.38
N GLY A 287 2.71 4.17 1.87
CA GLY A 287 2.22 5.53 1.79
C GLY A 287 2.14 6.21 3.14
N GLY A 288 1.63 5.50 4.15
CA GLY A 288 1.51 6.06 5.49
C GLY A 288 2.83 6.51 6.09
N ALA A 289 3.96 6.03 5.57
CA ALA A 289 5.25 6.49 6.05
C ALA A 289 5.46 7.97 5.74
N LEU A 290 4.64 8.57 4.89
CA LEU A 290 4.76 9.97 4.53
C LEU A 290 4.03 10.90 5.50
N ILE A 291 3.13 10.36 6.34
CA ILE A 291 2.55 11.16 7.41
C ILE A 291 3.66 11.86 8.15
N ARG A 292 3.52 13.16 8.37
CA ARG A 292 4.61 13.97 8.89
C ARG A 292 4.97 13.57 10.33
N ASN A 293 6.26 13.41 10.57
CA ASN A 293 6.81 13.09 11.89
C ASN A 293 6.30 11.76 12.44
N ILE A 294 5.89 10.83 11.57
CA ILE A 294 5.49 9.51 12.05
C ILE A 294 6.65 8.83 12.77
N ASP A 295 7.89 9.15 12.39
CA ASP A 295 9.04 8.57 13.06
C ASP A 295 9.19 9.14 14.47
N LYS A 296 9.04 10.46 14.62
CA LYS A 296 9.04 11.05 15.95
C LYS A 296 7.92 10.46 16.80
N TYR A 297 6.76 10.19 16.19
CA TYR A 297 5.66 9.59 16.94
C TYR A 297 6.06 8.24 17.51
N PHE A 298 6.59 7.36 16.67
CA PHE A 298 6.96 6.02 17.13
C PHE A 298 8.09 6.07 18.16
N PHE A 299 9.03 7.00 17.98
CA PHE A 299 10.10 7.14 18.96
C PHE A 299 9.55 7.56 20.33
N ASP A 300 8.71 8.59 20.34
CA ASP A 300 8.16 9.07 21.60
C ASP A 300 7.45 7.95 22.36
N ILE A 301 6.69 7.11 21.65
CA ILE A 301 5.85 6.13 22.32
C ILE A 301 6.66 4.90 22.74
N PHE A 302 7.57 4.43 21.89
CA PHE A 302 8.27 3.17 22.13
C PHE A 302 9.73 3.34 22.54
N GLN A 303 10.34 4.50 22.29
CA GLN A 303 11.75 4.74 22.60
C GLN A 303 12.67 3.90 21.73
N LEU A 304 12.18 3.40 20.60
CA LEU A 304 12.99 2.63 19.67
C LEU A 304 13.42 3.51 18.50
N PRO A 305 14.64 3.33 17.99
CA PRO A 305 15.02 4.04 16.77
C PRO A 305 14.01 3.78 15.67
N THR A 306 13.68 4.84 14.92
CA THR A 306 12.65 4.76 13.89
C THR A 306 13.14 5.50 12.65
N LYS A 307 13.25 4.77 11.55
CA LYS A 307 13.66 5.33 10.27
C LYS A 307 12.50 5.24 9.28
N ILE A 308 12.34 6.30 8.48
CA ILE A 308 11.38 6.30 7.40
C ILE A 308 12.12 5.88 6.13
N ALA A 309 11.65 4.81 5.49
CA ALA A 309 12.27 4.35 4.26
C ALA A 309 12.20 5.43 3.20
N SER A 310 13.34 5.69 2.55
CA SER A 310 13.37 6.66 1.47
C SER A 310 12.54 6.15 0.30
N ASP A 311 11.70 7.02 -0.26
CA ASP A 311 10.81 6.64 -1.36
C ASP A 311 9.90 5.49 -0.93
N SER A 312 9.18 5.71 0.19
CA SER A 312 8.46 4.66 0.87
C SER A 312 7.27 4.12 0.07
N LEU A 313 6.84 4.80 -0.98
CA LEU A 313 5.78 4.27 -1.82
C LEU A 313 6.28 3.17 -2.75
N ASN A 314 7.59 3.12 -3.02
CA ASN A 314 8.15 2.18 -3.98
C ASN A 314 8.88 1.02 -3.32
N CYS A 315 8.81 0.91 -2.00
CA CYS A 315 9.59 -0.11 -1.29
C CYS A 315 9.32 -1.50 -1.86
N VAL A 316 8.05 -1.87 -2.00
CA VAL A 316 7.72 -3.22 -2.44
C VAL A 316 8.26 -3.48 -3.85
N ILE A 317 7.87 -2.64 -4.81
CA ILE A 317 8.30 -2.87 -6.19
C ILE A 317 9.82 -2.79 -6.29
N GLU A 318 10.43 -1.84 -5.59
CA GLU A 318 11.89 -1.77 -5.56
C GLU A 318 12.49 -3.06 -5.00
N GLY A 319 11.81 -3.69 -4.04
CA GLY A 319 12.29 -4.95 -3.51
C GLY A 319 12.21 -6.08 -4.53
N THR A 320 11.12 -6.14 -5.29
CA THR A 320 11.00 -7.15 -6.33
C THR A 320 12.13 -7.05 -7.34
N LYS A 321 12.60 -5.83 -7.61
CA LYS A 321 13.73 -5.66 -8.52
C LYS A 321 15.01 -6.23 -7.94
N ILE A 322 15.24 -6.01 -6.65
CA ILE A 322 16.41 -6.58 -5.99
C ILE A 322 16.32 -8.10 -5.97
N PHE A 323 15.13 -8.64 -5.77
CA PHE A 323 14.92 -10.08 -5.65
C PHE A 323 15.01 -10.79 -7.00
N GLU A 324 15.02 -10.05 -8.11
CA GLU A 324 15.08 -10.69 -9.42
C GLU A 324 16.31 -11.59 -9.54
N LYS A 325 17.46 -11.12 -9.05
CA LYS A 325 18.67 -11.93 -9.10
C LYS A 325 18.46 -13.25 -8.38
N THR A 326 17.90 -13.20 -7.18
CA THR A 326 17.66 -14.43 -6.42
C THR A 326 16.73 -15.37 -7.17
N ILE A 327 15.68 -14.84 -7.78
CA ILE A 327 14.71 -15.69 -8.46
C ILE A 327 15.34 -16.40 -9.64
N LYS A 328 16.22 -15.70 -10.37
CA LYS A 328 16.86 -16.31 -11.53
C LYS A 328 17.98 -17.27 -11.14
N LYS A 329 18.54 -17.14 -9.94
CA LYS A 329 19.46 -18.15 -9.45
C LYS A 329 18.71 -19.42 -9.05
N ASN A 330 17.52 -19.27 -8.47
CA ASN A 330 16.72 -20.43 -8.11
C ASN A 330 16.25 -21.18 -9.36
N ILE A 331 15.79 -20.44 -10.38
CA ILE A 331 15.38 -21.09 -11.61
C ILE A 331 16.53 -21.91 -12.19
N GLU A 332 17.75 -21.37 -12.11
CA GLU A 332 18.93 -22.10 -12.57
C GLU A 332 19.22 -23.32 -11.71
N ASN A 333 18.60 -23.45 -10.54
CA ASN A 333 18.82 -24.57 -9.65
C ASN A 333 17.64 -25.53 -9.61
N GLY A 334 16.64 -25.34 -10.48
CA GLY A 334 15.54 -26.28 -10.58
C GLY A 334 14.46 -26.14 -9.54
N LEU A 335 14.38 -25.00 -8.85
CA LEU A 335 13.35 -24.79 -7.84
C LEU A 335 12.07 -24.26 -8.49
PG ANP B . -1.91 -1.86 0.62
O1G ANP B . -2.67 -1.82 1.90
O2G ANP B . -0.36 -1.96 0.93
O3G ANP B . -2.36 -3.15 -0.21
PB ANP B . -0.98 0.24 -1.08
O1B ANP B . 0.18 -0.70 -1.13
O2B ANP B . -1.41 0.60 -2.52
N3B ANP B . -2.28 -0.47 -0.28
PA ANP B . 0.63 2.49 -0.71
O1A ANP B . 0.68 2.71 -2.17
O2A ANP B . 1.90 1.89 -0.12
O3A ANP B . -0.58 1.53 -0.29
O5' ANP B . 0.28 3.87 -0.02
C5' ANP B . -0.90 4.60 -0.41
C4' ANP B . -1.56 5.17 0.82
O4' ANP B . -0.70 6.16 1.42
C3' ANP B . -2.91 5.85 0.56
O3' ANP B . -3.87 5.53 1.57
C2' ANP B . -2.55 7.33 0.58
O2' ANP B . -3.63 8.17 0.98
C1' ANP B . -1.42 7.37 1.60
N9 ANP B . -0.51 8.49 1.42
C8 ANP B . 0.17 8.84 0.28
N7 ANP B . 0.90 9.92 0.39
C5 ANP B . 0.68 10.31 1.70
C6 ANP B . 1.18 11.40 2.46
N6 ANP B . 2.03 12.31 1.97
N1 ANP B . 0.77 11.51 3.74
C2 ANP B . -0.08 10.60 4.23
N3 ANP B . -0.61 9.53 3.62
C4 ANP B . -0.19 9.45 2.35
HNB1 ANP B . -2.94 -0.65 -0.87
H5'1 ANP B . -1.52 4.00 -0.86
H5'2 ANP B . -0.65 5.33 -1.01
H4' ANP B . -1.70 4.47 1.49
H3' ANP B . -3.23 5.60 -0.30
HO3' ANP B . -4.68 5.55 1.22
H2' ANP B . -2.20 7.60 -0.29
HO2' ANP B . -4.12 8.38 0.28
H1' ANP B . -1.82 7.38 2.49
H8 ANP B . 0.10 8.33 -0.53
HN61 ANP B . 2.30 13.02 2.51
HN62 ANP B . 2.33 12.24 1.12
H2 ANP B . -0.34 10.72 5.15
P PO4 C . 9.87 18.46 11.27
O1 PO4 C . 11.13 19.28 11.45
O2 PO4 C . 8.96 19.14 10.27
O3 PO4 C . 10.24 17.09 10.74
O4 PO4 C . 9.16 18.31 12.58
MG MG D . 1.37 -1.99 -0.12
K K E . 1.31 0.01 -3.68
#